data_4O4C
#
_entry.id   4O4C
#
_cell.length_a   43.418
_cell.length_b   128.371
_cell.length_c   52.526
_cell.angle_alpha   90.00
_cell.angle_beta   114.26
_cell.angle_gamma   90.00
#
_symmetry.space_group_name_H-M   'P 1 21 1'
#
loop_
_entity.id
_entity.type
_entity.pdbx_description
1 polymer 'Inositol hexakisphosphate kinase'
2 water water
#
_entity_poly.entity_id   1
_entity_poly.type   'polypeptide(L)'
_entity_poly.pdbx_seq_one_letter_code
;GSFTAGGHGGPQQLHPDGQYLLKPCLSHRERDFYLHIKDDKEWTGTGIIPKFYGVELHEFGFGELEFIRMENLMYKYKRP
FVLDLKIGTQTWDPETASSKMKKRLVVDSTSTTTSLGVRFSGMERNIGEEKPILYSRYLCTHEVNTRDSLKEYIKLFFND
GKKYRKELVPYFISQLDKMIEVMKKREYKMFSSSVLFVYDSTTTLEDKKYNCKMIDFAHNWILSEEECTVEDGFLFGLNN
LKSILEDIENEFKSL
;
_entity_poly.pdbx_strand_id   A,B
#
# COMPACT_ATOMS: atom_id res chain seq x y z
N HIS A 15 -11.75 6.03 -26.61
CA HIS A 15 -11.83 5.03 -25.50
C HIS A 15 -13.25 4.52 -25.23
N PRO A 16 -13.48 3.19 -25.35
CA PRO A 16 -14.81 2.67 -25.08
C PRO A 16 -15.19 2.82 -23.62
N ASP A 17 -16.46 3.12 -23.36
CA ASP A 17 -16.93 3.51 -22.03
C ASP A 17 -17.43 2.33 -21.20
N GLY A 18 -17.61 1.17 -21.81
CA GLY A 18 -18.06 -0.02 -21.08
C GLY A 18 -17.18 -0.35 -19.89
N GLN A 19 -17.78 -0.98 -18.88
CA GLN A 19 -17.06 -1.39 -17.68
C GLN A 19 -15.94 -2.38 -17.97
N TYR A 20 -16.15 -3.23 -18.97
CA TYR A 20 -15.21 -4.27 -19.33
C TYR A 20 -14.74 -4.03 -20.75
N LEU A 21 -13.47 -4.33 -21.02
CA LEU A 21 -13.01 -4.38 -22.39
C LEU A 21 -12.57 -5.80 -22.74
N LEU A 22 -12.57 -6.07 -24.04
CA LEU A 22 -12.25 -7.36 -24.61
C LEU A 22 -11.11 -7.18 -25.60
N LYS A 23 -10.06 -7.97 -25.43
CA LYS A 23 -8.91 -7.97 -26.33
C LYS A 23 -8.70 -9.38 -26.85
N PRO A 24 -8.48 -9.52 -28.17
CA PRO A 24 -8.20 -10.87 -28.64
C PRO A 24 -6.89 -11.44 -28.10
N CYS A 25 -6.82 -12.77 -28.06
CA CYS A 25 -5.59 -13.45 -27.72
C CYS A 25 -4.75 -13.63 -28.98
N LEU A 26 -3.58 -13.01 -29.00
CA LEU A 26 -2.64 -13.13 -30.12
C LEU A 26 -1.85 -14.41 -30.05
N SER A 27 -1.67 -14.93 -28.84
CA SER A 27 -0.97 -16.18 -28.62
C SER A 27 -1.47 -16.78 -27.31
N HIS A 28 -1.03 -18.00 -27.02
CA HIS A 28 -1.38 -18.60 -25.75
C HIS A 28 -0.34 -18.24 -24.69
N ARG A 29 0.78 -17.67 -25.12
CA ARG A 29 1.78 -17.15 -24.22
C ARG A 29 1.17 -16.07 -23.34
N GLU A 30 0.40 -15.17 -23.94
CA GLU A 30 -0.35 -14.16 -23.19
C GLU A 30 -1.51 -14.75 -22.38
N ARG A 31 -2.29 -15.61 -23.02
CA ARG A 31 -3.42 -16.24 -22.33
C ARG A 31 -2.95 -16.93 -21.06
N ASP A 32 -1.88 -17.69 -21.21
CA ASP A 32 -1.40 -18.52 -20.12
C ASP A 32 -0.93 -17.69 -18.94
N PHE A 33 -0.34 -16.53 -19.20
CA PHE A 33 0.06 -15.64 -18.10
C PHE A 33 -1.15 -15.20 -17.30
N TYR A 34 -2.15 -14.66 -17.97
CA TYR A 34 -3.34 -14.18 -17.26
C TYR A 34 -4.07 -15.28 -16.49
N LEU A 35 -4.12 -16.49 -17.04
CA LEU A 35 -4.77 -17.62 -16.37
C LEU A 35 -3.96 -18.14 -15.18
N HIS A 36 -2.67 -17.84 -15.16
CA HIS A 36 -1.79 -18.30 -14.12
C HIS A 36 -1.76 -17.35 -12.92
N ILE A 37 -1.83 -16.04 -13.17
CA ILE A 37 -1.81 -15.07 -12.06
C ILE A 37 -3.19 -14.51 -11.71
N LYS A 38 -4.23 -15.00 -12.38
CA LYS A 38 -5.60 -14.62 -12.04
C LYS A 38 -5.89 -14.88 -10.57
N ASP A 39 -5.53 -16.07 -10.12
CA ASP A 39 -5.75 -16.53 -8.74
C ASP A 39 -4.85 -15.87 -7.69
N ASP A 40 -3.60 -15.60 -8.07
CA ASP A 40 -2.53 -15.23 -7.14
C ASP A 40 -2.80 -13.93 -6.38
N LYS A 41 -2.74 -13.99 -5.05
CA LYS A 41 -2.98 -12.83 -4.18
C LYS A 41 -1.88 -11.77 -4.33
N GLU A 42 -0.65 -12.23 -4.57
CA GLU A 42 0.50 -11.35 -4.73
C GLU A 42 0.42 -10.47 -5.98
N TRP A 43 -0.33 -10.93 -6.97
CA TRP A 43 -0.57 -10.16 -8.18
C TRP A 43 -1.92 -9.44 -8.16
N THR A 44 -2.98 -10.16 -7.82
CA THR A 44 -4.33 -9.54 -7.83
C THR A 44 -4.61 -8.74 -6.56
N GLY A 45 -4.41 -9.36 -5.41
CA GLY A 45 -4.57 -8.68 -4.11
C GLY A 45 -3.70 -7.44 -3.92
N THR A 46 -2.53 -7.42 -4.54
CA THR A 46 -1.64 -6.24 -4.48
C THR A 46 -2.03 -5.15 -5.48
N GLY A 47 -2.94 -5.45 -6.40
CA GLY A 47 -3.46 -4.48 -7.34
C GLY A 47 -2.47 -3.89 -8.33
N ILE A 48 -1.47 -4.67 -8.74
CA ILE A 48 -0.46 -4.17 -9.70
C ILE A 48 -0.77 -4.54 -11.15
N ILE A 49 -1.75 -5.41 -11.34
CA ILE A 49 -2.25 -5.76 -12.67
C ILE A 49 -3.75 -5.50 -12.74
N PRO A 50 -4.27 -5.22 -13.94
CA PRO A 50 -5.70 -5.06 -14.12
C PRO A 50 -6.44 -6.35 -13.78
N LYS A 51 -7.62 -6.25 -13.18
CA LYS A 51 -8.41 -7.45 -12.88
C LYS A 51 -8.80 -8.12 -14.19
N PHE A 52 -8.53 -9.41 -14.22
CA PHE A 52 -8.79 -10.25 -15.36
C PHE A 52 -9.98 -11.16 -15.04
N TYR A 53 -10.99 -11.11 -15.90
CA TYR A 53 -12.26 -11.80 -15.67
C TYR A 53 -12.41 -13.13 -16.42
N GLY A 54 -11.50 -13.42 -17.34
CA GLY A 54 -11.54 -14.71 -18.01
C GLY A 54 -11.26 -14.63 -19.49
N VAL A 55 -11.11 -15.81 -20.09
CA VAL A 55 -10.90 -15.95 -21.50
C VAL A 55 -12.20 -16.44 -22.06
N GLU A 56 -12.82 -15.62 -22.90
CA GLU A 56 -14.07 -16.01 -23.52
C GLU A 56 -13.93 -16.18 -25.03
N LEU A 57 -14.89 -16.90 -25.57
CA LEU A 57 -14.86 -17.30 -26.95
C LEU A 57 -15.86 -16.44 -27.71
N HIS A 58 -15.44 -15.95 -28.88
CA HIS A 58 -16.34 -15.21 -29.76
C HIS A 58 -16.15 -15.61 -31.21
N GLU A 59 -17.25 -15.57 -31.93
CA GLU A 59 -17.32 -15.96 -33.33
C GLU A 59 -16.24 -15.27 -34.19
N PHE A 60 -15.50 -16.08 -34.94
CA PHE A 60 -14.61 -15.58 -35.98
C PHE A 60 -14.57 -16.57 -37.14
N GLY A 61 -15.13 -16.18 -38.28
CA GLY A 61 -15.28 -17.10 -39.39
C GLY A 61 -16.18 -18.27 -38.99
N PHE A 62 -15.79 -19.48 -39.39
CA PHE A 62 -16.61 -20.67 -39.12
C PHE A 62 -16.33 -21.31 -37.77
N GLY A 63 -15.53 -20.64 -36.94
CA GLY A 63 -15.29 -21.11 -35.59
C GLY A 63 -15.27 -19.96 -34.60
N GLU A 64 -14.38 -20.05 -33.60
CA GLU A 64 -14.35 -19.11 -32.52
C GLU A 64 -12.92 -18.67 -32.20
N LEU A 65 -12.83 -17.51 -31.56
CA LEU A 65 -11.56 -16.90 -31.16
C LEU A 65 -11.61 -16.50 -29.68
N GLU A 66 -10.46 -16.60 -29.03
CA GLU A 66 -10.33 -16.33 -27.60
C GLU A 66 -10.07 -14.86 -27.36
N PHE A 67 -10.87 -14.26 -26.48
CA PHE A 67 -10.71 -12.87 -26.08
C PHE A 67 -10.47 -12.80 -24.55
N ILE A 68 -9.56 -11.93 -24.15
CA ILE A 68 -9.32 -11.63 -22.74
C ILE A 68 -10.32 -10.59 -22.29
N ARG A 69 -11.03 -10.86 -21.21
CA ARG A 69 -11.91 -9.87 -20.60
C ARG A 69 -11.19 -9.26 -19.40
N MET A 70 -11.04 -7.94 -19.42
CA MET A 70 -10.36 -7.21 -18.35
C MET A 70 -11.16 -5.97 -17.99
N GLU A 71 -10.96 -5.47 -16.77
CA GLU A 71 -11.58 -4.22 -16.33
C GLU A 71 -11.18 -3.06 -17.25
N ASN A 72 -12.13 -2.15 -17.46
CA ASN A 72 -11.82 -0.88 -18.07
C ASN A 72 -11.34 0.04 -16.96
N LEU A 73 -10.02 0.20 -16.88
CA LEU A 73 -9.39 1.07 -15.89
C LEU A 73 -9.92 2.49 -15.92
N MET A 74 -10.41 2.94 -17.07
CA MET A 74 -10.95 4.29 -17.21
C MET A 74 -12.48 4.35 -17.25
N TYR A 75 -13.13 3.36 -16.66
CA TYR A 75 -14.57 3.34 -16.56
C TYR A 75 -15.06 4.56 -15.80
N LYS A 76 -15.95 5.32 -16.44
CA LYS A 76 -16.50 6.57 -15.90
C LYS A 76 -15.47 7.69 -15.66
N TYR A 77 -14.32 7.65 -16.34
CA TYR A 77 -13.35 8.76 -16.29
C TYR A 77 -13.86 9.90 -17.15
N LYS A 78 -14.10 11.05 -16.52
CA LYS A 78 -14.61 12.22 -17.23
C LYS A 78 -13.55 12.88 -18.10
N ARG A 79 -12.37 13.10 -17.53
CA ARG A 79 -11.24 13.68 -18.28
C ARG A 79 -10.00 12.79 -18.14
N PRO A 80 -9.81 11.87 -19.09
CA PRO A 80 -8.74 10.89 -18.94
C PRO A 80 -7.35 11.46 -19.21
N PHE A 81 -6.40 11.07 -18.37
CA PHE A 81 -4.99 11.32 -18.62
C PHE A 81 -4.38 9.95 -18.69
N VAL A 82 -3.52 9.74 -19.67
CA VAL A 82 -2.94 8.42 -19.89
C VAL A 82 -1.48 8.56 -20.24
N LEU A 83 -0.64 7.74 -19.59
CA LEU A 83 0.78 7.66 -19.94
C LEU A 83 1.17 6.20 -19.98
N ASP A 84 1.84 5.83 -21.07
CA ASP A 84 2.26 4.46 -21.33
C ASP A 84 3.78 4.44 -21.47
N LEU A 85 4.45 3.72 -20.56
CA LEU A 85 5.89 3.59 -20.56
C LEU A 85 6.28 2.15 -20.74
N LYS A 86 7.13 1.88 -21.73
N LYS A 86 7.13 1.88 -21.73
CA LYS A 86 7.68 0.54 -21.94
CA LYS A 86 7.69 0.53 -21.93
C LYS A 86 8.80 0.28 -20.95
C LYS A 86 8.80 0.28 -20.94
N ILE A 87 8.79 -0.89 -20.32
CA ILE A 87 9.75 -1.24 -19.30
C ILE A 87 10.67 -2.35 -19.77
N GLY A 88 11.97 -2.18 -19.52
CA GLY A 88 12.97 -3.16 -19.91
C GLY A 88 14.11 -2.53 -20.65
N THR A 89 15.26 -3.19 -20.66
CA THR A 89 16.44 -2.75 -21.43
C THR A 89 16.43 -3.26 -22.88
N GLN A 90 15.48 -4.13 -23.23
CA GLN A 90 15.20 -4.50 -24.61
C GLN A 90 13.74 -4.86 -24.72
N THR A 91 13.17 -4.67 -25.91
CA THR A 91 11.75 -4.97 -26.18
C THR A 91 11.58 -6.16 -27.14
N TRP A 92 12.69 -6.78 -27.53
CA TRP A 92 12.66 -7.98 -28.34
C TRP A 92 12.95 -9.13 -27.40
N ASP A 93 12.66 -10.35 -27.84
CA ASP A 93 12.97 -11.54 -27.03
C ASP A 93 13.35 -12.68 -27.97
N PRO A 94 13.38 -13.94 -27.50
CA PRO A 94 13.80 -15.02 -28.42
C PRO A 94 12.81 -15.38 -29.53
N GLU A 95 11.54 -14.97 -29.41
CA GLU A 95 10.56 -15.28 -30.47
C GLU A 95 10.42 -14.15 -31.49
N THR A 96 11.10 -13.02 -31.28
CA THR A 96 11.04 -11.91 -32.22
C THR A 96 11.56 -12.33 -33.61
N ALA A 97 10.74 -12.17 -34.64
CA ALA A 97 11.16 -12.49 -36.02
C ALA A 97 12.37 -11.63 -36.42
N SER A 98 13.33 -12.26 -37.08
CA SER A 98 14.57 -11.59 -37.49
C SER A 98 14.31 -10.34 -38.35
N SER A 99 13.30 -10.39 -39.21
CA SER A 99 12.93 -9.25 -40.06
C SER A 99 12.39 -8.04 -39.25
N LYS A 100 11.97 -8.30 -38.01
CA LYS A 100 11.54 -7.24 -37.10
C LYS A 100 12.69 -6.62 -36.28
N MET A 101 13.86 -7.26 -36.29
CA MET A 101 14.89 -6.98 -35.28
C MET A 101 15.62 -5.65 -35.46
N LYS A 102 15.79 -5.19 -36.71
CA LYS A 102 16.43 -3.89 -36.95
C LYS A 102 15.65 -2.79 -36.26
N LYS A 103 14.32 -2.76 -36.46
CA LYS A 103 13.48 -1.71 -35.85
C LYS A 103 13.51 -1.78 -34.31
N ARG A 104 13.51 -2.97 -33.74
CA ARG A 104 13.53 -3.12 -32.28
C ARG A 104 14.85 -2.60 -31.72
N LEU A 105 15.95 -3.00 -32.36
CA LEU A 105 17.28 -2.56 -31.97
C LEU A 105 17.41 -1.04 -32.09
N VAL A 106 16.91 -0.47 -33.18
CA VAL A 106 16.99 0.97 -33.38
C VAL A 106 16.17 1.69 -32.33
N VAL A 107 14.89 1.34 -32.19
CA VAL A 107 14.06 2.07 -31.22
C VAL A 107 14.63 1.91 -29.79
N ASP A 108 15.07 0.70 -29.46
CA ASP A 108 15.60 0.43 -28.11
C ASP A 108 16.82 1.31 -27.78
N SER A 109 17.72 1.44 -28.74
CA SER A 109 18.98 2.16 -28.49
C SER A 109 18.89 3.68 -28.65
N THR A 110 18.01 4.17 -29.52
CA THR A 110 17.86 5.62 -29.72
C THR A 110 16.85 6.25 -28.76
N SER A 111 16.06 5.41 -28.09
CA SER A 111 15.23 5.86 -27.01
C SER A 111 16.04 5.67 -25.75
N THR A 112 15.39 5.80 -24.62
CA THR A 112 16.05 5.60 -23.32
C THR A 112 15.98 4.15 -22.84
N THR A 113 15.55 3.22 -23.69
CA THR A 113 15.28 1.85 -23.25
C THR A 113 16.56 1.18 -22.78
N THR A 114 17.61 1.20 -23.60
CA THR A 114 18.88 0.55 -23.25
C THR A 114 19.59 1.27 -22.07
N SER A 115 19.47 2.60 -21.97
CA SER A 115 20.13 3.37 -20.90
C SER A 115 19.41 3.34 -19.56
N LEU A 116 18.09 3.34 -19.57
CA LEU A 116 17.30 3.45 -18.34
C LEU A 116 16.38 2.26 -18.06
N GLY A 117 16.10 1.46 -19.08
CA GLY A 117 15.17 0.36 -18.91
C GLY A 117 13.73 0.86 -18.86
N VAL A 118 13.52 2.07 -19.38
CA VAL A 118 12.18 2.65 -19.43
C VAL A 118 12.13 3.73 -20.49
N ARG A 119 11.12 3.69 -21.34
CA ARG A 119 10.97 4.69 -22.39
C ARG A 119 9.55 5.15 -22.56
N PHE A 120 9.42 6.34 -23.13
CA PHE A 120 8.13 6.96 -23.41
C PHE A 120 7.42 6.12 -24.46
N SER A 121 6.11 5.89 -24.26
CA SER A 121 5.32 5.06 -25.19
C SER A 121 3.98 5.63 -25.71
N GLY A 122 3.74 6.92 -25.53
CA GLY A 122 2.42 7.52 -25.77
C GLY A 122 1.85 8.22 -24.54
N MET A 123 1.16 9.33 -24.76
CA MET A 123 0.47 10.00 -23.69
C MET A 123 -0.78 10.72 -24.23
N GLU A 124 -1.77 10.88 -23.35
CA GLU A 124 -2.99 11.59 -23.69
C GLU A 124 -3.39 12.49 -22.54
N ARG A 125 -3.68 13.75 -22.85
CA ARG A 125 -4.11 14.71 -21.85
C ARG A 125 -5.41 15.36 -22.29
N ASN A 126 -6.35 15.49 -21.35
CA ASN A 126 -7.63 16.13 -21.63
C ASN A 126 -7.83 17.33 -20.73
N ILE A 127 -7.58 18.50 -21.29
CA ILE A 127 -7.50 19.73 -20.52
C ILE A 127 -8.74 20.64 -20.73
N GLY A 128 -9.84 20.04 -21.18
CA GLY A 128 -11.11 20.76 -21.38
C GLY A 128 -11.34 21.21 -22.81
N GLU A 129 -10.33 21.02 -23.67
CA GLU A 129 -10.39 21.45 -25.07
C GLU A 129 -10.31 20.26 -26.03
N GLU A 130 -11.48 19.80 -26.47
CA GLU A 130 -11.59 18.65 -27.35
C GLU A 130 -10.96 18.95 -28.71
N LYS A 131 -10.30 17.97 -29.34
CA LYS A 131 -10.10 16.62 -28.80
C LYS A 131 -8.95 16.59 -27.80
N PRO A 132 -8.73 15.43 -27.17
CA PRO A 132 -7.60 15.27 -26.25
C PRO A 132 -6.26 15.37 -26.98
N ILE A 133 -5.26 15.98 -26.33
CA ILE A 133 -3.94 16.16 -26.92
C ILE A 133 -3.24 14.82 -26.88
N LEU A 134 -2.81 14.34 -28.05
CA LEU A 134 -2.14 13.04 -28.16
C LEU A 134 -0.66 13.26 -28.38
N TYR A 135 0.16 12.58 -27.59
CA TYR A 135 1.61 12.65 -27.74
C TYR A 135 2.07 11.30 -28.26
N SER A 136 2.48 11.28 -29.53
CA SER A 136 2.87 10.07 -30.24
C SER A 136 3.93 9.27 -29.48
N ARG A 137 3.73 7.96 -29.42
CA ARG A 137 4.76 7.06 -28.91
C ARG A 137 6.11 7.28 -29.60
N TYR A 138 6.05 7.63 -30.89
CA TYR A 138 7.27 7.78 -31.68
C TYR A 138 8.13 9.00 -31.33
N LEU A 139 7.68 9.86 -30.42
CA LEU A 139 8.51 10.95 -29.89
C LEU A 139 9.71 10.44 -29.09
N CYS A 140 9.66 9.17 -28.66
CA CYS A 140 10.68 8.58 -27.78
C CYS A 140 12.10 8.54 -28.35
N THR A 141 12.25 8.56 -29.67
CA THR A 141 13.59 8.50 -30.25
C THR A 141 14.23 9.85 -30.53
N HIS A 142 13.60 10.94 -30.12
CA HIS A 142 14.15 12.26 -30.41
C HIS A 142 13.72 13.27 -29.37
N GLU A 143 12.41 13.48 -29.24
CA GLU A 143 11.93 14.54 -28.37
C GLU A 143 11.87 14.11 -26.89
N VAL A 144 11.81 12.81 -26.64
CA VAL A 144 11.76 12.24 -25.28
C VAL A 144 12.83 11.14 -25.16
N ASN A 145 14.07 11.48 -25.53
CA ASN A 145 15.14 10.50 -25.64
C ASN A 145 16.20 10.61 -24.56
N THR A 146 15.90 11.28 -23.44
CA THR A 146 16.84 11.37 -22.34
C THR A 146 16.07 11.26 -21.03
N ARG A 147 16.79 10.99 -19.94
CA ARG A 147 16.15 10.96 -18.62
C ARG A 147 15.42 12.27 -18.33
N ASP A 148 16.10 13.38 -18.54
CA ASP A 148 15.52 14.69 -18.25
C ASP A 148 14.25 14.95 -19.06
N SER A 149 14.24 14.62 -20.36
CA SER A 149 13.05 14.90 -21.16
C SER A 149 11.97 13.91 -20.80
N LEU A 150 12.36 12.67 -20.45
CA LEU A 150 11.40 11.68 -19.97
C LEU A 150 10.72 12.18 -18.71
N LYS A 151 11.52 12.64 -17.74
CA LYS A 151 11.03 13.21 -16.49
C LYS A 151 10.05 14.35 -16.70
N GLU A 152 10.41 15.24 -17.62
CA GLU A 152 9.56 16.37 -17.97
C GLU A 152 8.26 15.96 -18.62
N TYR A 153 8.29 14.96 -19.50
CA TYR A 153 7.04 14.44 -20.08
C TYR A 153 6.15 13.75 -19.02
N ILE A 154 6.75 13.22 -17.97
CA ILE A 154 5.97 12.62 -16.87
C ILE A 154 5.37 13.74 -15.99
N LYS A 155 6.14 14.78 -15.74
CA LYS A 155 5.59 15.97 -15.10
C LYS A 155 4.41 16.53 -15.90
N LEU A 156 4.52 16.55 -17.23
CA LEU A 156 3.42 17.01 -18.07
C LEU A 156 2.18 16.12 -17.90
N PHE A 157 2.40 14.81 -17.79
CA PHE A 157 1.30 13.91 -17.46
C PHE A 157 0.56 14.38 -16.20
N PHE A 158 1.31 14.86 -15.21
CA PHE A 158 0.73 15.33 -13.94
C PHE A 158 0.20 16.77 -13.99
N ASN A 159 0.37 17.43 -15.12
CA ASN A 159 -0.20 18.75 -15.34
C ASN A 159 -1.59 18.56 -15.93
N ASP A 160 -2.62 18.95 -15.16
CA ASP A 160 -3.99 18.97 -15.67
C ASP A 160 -4.29 20.24 -16.47
N GLY A 161 -3.38 21.21 -16.42
CA GLY A 161 -3.49 22.47 -17.16
C GLY A 161 -3.82 23.62 -16.23
N LYS A 162 -4.45 23.29 -15.12
CA LYS A 162 -4.78 24.23 -14.07
C LYS A 162 -3.61 24.13 -13.07
N LYS A 163 -3.24 22.91 -12.66
CA LYS A 163 -2.18 22.68 -11.66
C LYS A 163 -1.49 21.32 -11.84
N TYR A 164 -0.32 21.19 -11.22
CA TYR A 164 0.37 19.91 -11.15
C TYR A 164 -0.20 19.09 -10.02
N ARG A 165 -0.60 17.86 -10.32
CA ARG A 165 -1.33 17.03 -9.36
C ARG A 165 -0.36 16.25 -8.47
N LYS A 166 0.35 17.01 -7.64
CA LYS A 166 1.42 16.48 -6.82
C LYS A 166 0.94 15.51 -5.76
N GLU A 167 -0.34 15.57 -5.42
CA GLU A 167 -0.95 14.68 -4.41
C GLU A 167 -1.15 13.25 -4.93
N LEU A 168 -1.00 13.05 -6.24
CA LEU A 168 -1.16 11.73 -6.85
C LEU A 168 0.17 10.96 -6.91
N VAL A 169 1.29 11.68 -6.88
CA VAL A 169 2.60 11.07 -7.15
C VAL A 169 2.94 9.99 -6.13
N PRO A 170 2.67 10.21 -4.83
CA PRO A 170 2.98 9.12 -3.89
C PRO A 170 2.22 7.82 -4.22
N TYR A 171 0.97 7.91 -4.67
CA TYR A 171 0.27 6.70 -5.11
C TYR A 171 1.08 5.95 -6.19
N PHE A 172 1.57 6.69 -7.19
CA PHE A 172 2.30 6.07 -8.30
C PHE A 172 3.61 5.41 -7.85
N ILE A 173 4.33 6.08 -6.95
CA ILE A 173 5.54 5.51 -6.37
C ILE A 173 5.21 4.27 -5.56
N SER A 174 4.13 4.35 -4.80
CA SER A 174 3.69 3.18 -4.02
C SER A 174 3.40 2.00 -4.95
N GLN A 175 2.76 2.26 -6.09
CA GLN A 175 2.52 1.20 -7.08
C GLN A 175 3.82 0.61 -7.62
N LEU A 176 4.76 1.48 -7.98
CA LEU A 176 6.07 1.00 -8.43
C LEU A 176 6.75 0.13 -7.38
N ASP A 177 6.70 0.53 -6.11
CA ASP A 177 7.29 -0.29 -5.03
C ASP A 177 6.68 -1.69 -5.00
N LYS A 178 5.37 -1.76 -5.19
CA LYS A 178 4.71 -3.06 -5.22
C LYS A 178 5.15 -3.89 -6.45
N MET A 179 5.37 -3.23 -7.59
CA MET A 179 5.84 -3.94 -8.78
C MET A 179 7.27 -4.46 -8.58
N ILE A 180 8.10 -3.65 -7.94
CA ILE A 180 9.49 -3.99 -7.70
C ILE A 180 9.58 -5.22 -6.81
N GLU A 181 8.79 -5.22 -5.74
CA GLU A 181 8.77 -6.31 -4.77
C GLU A 181 8.36 -7.62 -5.42
N VAL A 182 7.37 -7.58 -6.31
CA VAL A 182 6.91 -8.79 -6.97
C VAL A 182 7.97 -9.28 -7.96
N MET A 183 8.43 -8.39 -8.83
CA MET A 183 9.38 -8.79 -9.88
C MET A 183 10.76 -9.15 -9.34
N LYS A 184 11.11 -8.65 -8.16
CA LYS A 184 12.35 -9.09 -7.50
C LYS A 184 12.39 -10.61 -7.33
N LYS A 185 11.23 -11.24 -7.22
CA LYS A 185 11.12 -12.70 -7.13
C LYS A 185 11.69 -13.39 -8.37
N ARG A 186 11.72 -12.67 -9.50
CA ARG A 186 12.26 -13.22 -10.75
C ARG A 186 11.57 -14.50 -11.17
N GLU A 187 10.25 -14.52 -11.00
CA GLU A 187 9.43 -15.63 -11.47
C GLU A 187 9.32 -15.59 -13.00
N TYR A 188 9.28 -14.38 -13.57
CA TYR A 188 9.06 -14.23 -15.01
C TYR A 188 10.08 -13.33 -15.63
N LYS A 189 10.26 -13.45 -16.92
CA LYS A 189 10.88 -12.39 -17.70
C LYS A 189 9.76 -11.79 -18.51
N MET A 190 9.81 -10.47 -18.67
CA MET A 190 8.76 -9.72 -19.38
C MET A 190 9.36 -8.75 -20.37
N PHE A 191 8.97 -8.91 -21.63
CA PHE A 191 9.52 -8.14 -22.75
C PHE A 191 8.40 -7.36 -23.38
N SER A 192 8.62 -6.07 -23.60
CA SER A 192 7.60 -5.22 -24.20
C SER A 192 6.31 -5.03 -23.38
N SER A 193 6.44 -5.15 -22.05
CA SER A 193 5.35 -4.78 -21.15
C SER A 193 5.46 -3.31 -20.83
N SER A 194 4.34 -2.77 -20.36
CA SER A 194 4.25 -1.38 -19.99
C SER A 194 3.84 -1.25 -18.54
N VAL A 195 4.24 -0.13 -17.95
CA VAL A 195 3.57 0.41 -16.78
C VAL A 195 2.65 1.53 -17.26
N LEU A 196 1.37 1.41 -16.93
CA LEU A 196 0.35 2.31 -17.41
C LEU A 196 -0.06 3.25 -16.29
N PHE A 197 0.04 4.55 -16.56
CA PHE A 197 -0.40 5.59 -15.63
C PHE A 197 -1.72 6.16 -16.17
N VAL A 198 -2.77 6.14 -15.35
CA VAL A 198 -3.98 6.90 -15.69
C VAL A 198 -4.51 7.68 -14.49
N TYR A 199 -5.19 8.77 -14.80
CA TYR A 199 -6.09 9.39 -13.85
C TYR A 199 -7.17 10.17 -14.55
N ASP A 200 -8.27 10.39 -13.81
CA ASP A 200 -9.35 11.30 -14.22
C ASP A 200 -9.04 12.59 -13.50
N SER A 201 -8.85 13.68 -14.25
CA SER A 201 -8.47 14.96 -13.66
C SER A 201 -9.57 15.59 -12.79
N THR A 202 -10.80 15.11 -12.93
CA THR A 202 -11.90 15.55 -12.05
C THR A 202 -11.90 14.78 -10.73
N THR A 203 -10.97 13.83 -10.55
CA THR A 203 -10.90 13.08 -9.30
C THR A 203 -10.54 13.95 -8.11
N THR A 204 -10.94 13.50 -6.92
CA THR A 204 -10.26 13.88 -5.69
C THR A 204 -9.44 12.66 -5.30
N LEU A 205 -8.72 12.77 -4.19
CA LEU A 205 -8.01 11.63 -3.63
C LEU A 205 -9.00 10.54 -3.25
N GLU A 206 -10.12 10.97 -2.69
CA GLU A 206 -11.15 10.09 -2.13
C GLU A 206 -11.87 9.31 -3.22
N ASP A 207 -12.11 9.95 -4.36
CA ASP A 207 -12.74 9.26 -5.51
C ASP A 207 -11.93 8.07 -6.00
N LYS A 208 -10.61 8.15 -5.86
CA LYS A 208 -9.68 7.10 -6.30
C LYS A 208 -9.82 6.79 -7.80
N LYS A 209 -10.06 7.83 -8.60
CA LYS A 209 -10.07 7.69 -10.05
C LYS A 209 -8.66 7.93 -10.61
N TYR A 210 -7.74 7.08 -10.17
CA TYR A 210 -6.37 7.07 -10.67
C TYR A 210 -5.80 5.69 -10.50
N ASN A 211 -4.89 5.33 -11.38
CA ASN A 211 -4.42 3.97 -11.44
C ASN A 211 -3.05 3.86 -12.06
N CYS A 212 -2.32 2.85 -11.61
CA CYS A 212 -1.03 2.48 -12.16
C CYS A 212 -0.97 0.96 -12.17
N LYS A 213 -0.86 0.39 -13.36
CA LYS A 213 -0.91 -1.05 -13.53
C LYS A 213 0.07 -1.49 -14.61
N MET A 214 0.64 -2.68 -14.42
CA MET A 214 1.44 -3.32 -15.42
C MET A 214 0.53 -3.97 -16.44
N ILE A 215 0.85 -3.81 -17.72
CA ILE A 215 0.07 -4.38 -18.81
C ILE A 215 0.97 -4.91 -19.92
N ASP A 216 0.33 -5.57 -20.90
CA ASP A 216 0.99 -6.09 -22.10
C ASP A 216 1.86 -7.29 -21.76
N PHE A 217 1.23 -8.45 -21.68
CA PHE A 217 1.92 -9.65 -21.28
C PHE A 217 2.05 -10.70 -22.38
N ALA A 218 2.00 -10.28 -23.65
CA ALA A 218 2.13 -11.22 -24.78
C ALA A 218 3.51 -11.88 -24.87
N HIS A 219 4.51 -11.26 -24.26
CA HIS A 219 5.89 -11.76 -24.35
C HIS A 219 6.47 -11.94 -22.95
N ASN A 220 5.74 -12.67 -22.13
CA ASN A 220 6.16 -12.99 -20.79
C ASN A 220 6.59 -14.44 -20.74
N TRP A 221 7.58 -14.72 -19.91
CA TRP A 221 8.20 -16.04 -19.87
C TRP A 221 8.22 -16.55 -18.43
N ILE A 222 7.71 -17.77 -18.21
CA ILE A 222 7.60 -18.35 -16.86
C ILE A 222 8.84 -19.20 -16.63
N LEU A 223 9.80 -18.67 -15.88
CA LEU A 223 11.15 -19.23 -15.85
C LEU A 223 11.24 -20.68 -15.32
N SER A 224 10.32 -21.05 -14.43
CA SER A 224 10.32 -22.43 -13.88
C SER A 224 9.70 -23.43 -14.86
N GLU A 225 9.08 -22.94 -15.94
CA GLU A 225 8.33 -23.76 -16.89
C GLU A 225 8.93 -23.78 -18.29
N GLU A 226 9.78 -22.81 -18.58
CA GLU A 226 10.46 -22.70 -19.86
C GLU A 226 11.69 -21.86 -19.64
N GLU A 227 12.60 -21.85 -20.61
CA GLU A 227 13.83 -21.09 -20.45
C GLU A 227 13.88 -19.86 -21.35
N CYS A 228 14.49 -18.81 -20.83
CA CYS A 228 14.69 -17.57 -21.55
C CYS A 228 16.04 -17.03 -21.12
N THR A 229 17.04 -17.11 -22.01
CA THR A 229 18.41 -16.74 -21.63
C THR A 229 18.61 -15.22 -21.60
N VAL A 230 18.09 -14.50 -22.59
CA VAL A 230 18.24 -13.03 -22.61
C VAL A 230 17.60 -12.38 -21.38
N GLU A 231 18.11 -11.22 -21.01
CA GLU A 231 17.66 -10.54 -19.81
C GLU A 231 16.73 -9.41 -20.22
N ASP A 232 15.73 -9.17 -19.37
CA ASP A 232 14.71 -8.17 -19.67
C ASP A 232 15.08 -6.78 -19.16
N GLY A 233 15.94 -6.72 -18.14
CA GLY A 233 16.29 -5.45 -17.49
C GLY A 233 15.09 -4.77 -16.89
N PHE A 234 14.10 -5.57 -16.47
CA PHE A 234 12.80 -5.08 -16.00
C PHE A 234 12.95 -4.35 -14.68
N LEU A 235 13.56 -5.02 -13.72
CA LEU A 235 13.79 -4.46 -12.40
C LEU A 235 14.64 -3.19 -12.48
N PHE A 236 15.68 -3.22 -13.31
CA PHE A 236 16.52 -2.05 -13.54
C PHE A 236 15.64 -0.87 -14.01
N GLY A 237 14.73 -1.18 -14.93
CA GLY A 237 13.79 -0.20 -15.46
C GLY A 237 12.85 0.36 -14.42
N LEU A 238 12.30 -0.52 -13.59
CA LEU A 238 11.40 -0.09 -12.51
C LEU A 238 12.07 0.89 -11.54
N ASN A 239 13.29 0.58 -11.12
CA ASN A 239 14.01 1.44 -10.16
C ASN A 239 14.30 2.82 -10.74
N ASN A 240 14.71 2.87 -12.00
CA ASN A 240 14.88 4.12 -12.71
C ASN A 240 13.59 4.87 -12.89
N LEU A 241 12.51 4.16 -13.20
CA LEU A 241 11.22 4.82 -13.19
C LEU A 241 10.93 5.35 -11.80
N LYS A 242 11.11 4.51 -10.78
CA LYS A 242 10.89 4.94 -9.40
C LYS A 242 11.69 6.19 -9.07
N SER A 243 12.95 6.21 -9.46
CA SER A 243 13.85 7.30 -9.16
C SER A 243 13.44 8.59 -9.85
N ILE A 244 12.93 8.48 -11.08
CA ILE A 244 12.37 9.66 -11.77
C ILE A 244 11.19 10.26 -11.02
N LEU A 245 10.26 9.40 -10.58
CA LEU A 245 9.07 9.86 -9.83
C LEU A 245 9.43 10.53 -8.48
N GLU A 246 10.48 10.04 -7.83
CA GLU A 246 10.95 10.66 -6.60
C GLU A 246 11.52 12.05 -6.85
N ASP A 247 12.33 12.18 -7.91
CA ASP A 247 12.85 13.49 -8.30
C ASP A 247 11.71 14.44 -8.59
N ILE A 248 10.67 13.95 -9.27
CA ILE A 248 9.51 14.76 -9.55
C ILE A 248 8.82 15.18 -8.25
N GLU A 249 8.73 14.24 -7.32
CA GLU A 249 8.12 14.52 -6.03
C GLU A 249 8.88 15.63 -5.33
N ASN A 250 10.21 15.53 -5.31
CA ASN A 250 11.03 16.56 -4.67
C ASN A 250 10.89 17.91 -5.38
N GLU A 251 10.89 17.90 -6.71
CA GLU A 251 10.83 19.14 -7.47
C GLU A 251 9.45 19.79 -7.40
N PHE A 252 8.42 18.99 -7.13
CA PHE A 252 7.05 19.49 -6.92
C PHE A 252 6.85 20.11 -5.53
N LYS A 253 7.72 19.80 -4.57
CA LYS A 253 7.62 20.36 -3.22
C LYS A 253 7.62 21.90 -3.22
N SER A 254 8.51 22.50 -4.00
CA SER A 254 8.56 23.96 -4.14
C SER A 254 7.64 24.36 -5.28
N LEU A 255 6.34 24.32 -5.00
CA LEU A 255 5.31 24.55 -6.02
C LEU A 255 3.99 24.96 -5.38
N HIS B 15 -9.85 7.42 28.60
CA HIS B 15 -10.58 8.01 27.45
C HIS B 15 -11.10 9.37 27.92
N PRO B 16 -10.26 10.41 27.86
CA PRO B 16 -10.76 11.74 28.21
C PRO B 16 -11.78 12.22 27.19
N ASP B 17 -12.78 12.97 27.62
CA ASP B 17 -13.84 13.43 26.72
C ASP B 17 -13.39 14.63 25.88
N GLY B 18 -12.41 15.37 26.38
CA GLY B 18 -11.84 16.49 25.64
C GLY B 18 -11.38 16.10 24.25
N GLN B 19 -11.39 17.06 23.34
CA GLN B 19 -10.95 16.85 21.97
C GLN B 19 -9.49 16.41 21.88
N TYR B 20 -8.67 16.94 22.79
CA TYR B 20 -7.24 16.65 22.79
C TYR B 20 -6.89 15.94 24.08
N LEU B 21 -5.94 15.01 24.01
CA LEU B 21 -5.35 14.46 25.22
C LEU B 21 -3.87 14.80 25.28
N LEU B 22 -3.34 14.77 26.51
CA LEU B 22 -1.96 15.12 26.82
C LEU B 22 -1.32 13.95 27.53
N LYS B 23 -0.17 13.50 27.01
CA LYS B 23 0.59 12.43 27.62
C LYS B 23 2.01 12.93 27.90
N PRO B 24 2.56 12.62 29.08
CA PRO B 24 3.92 13.07 29.33
C PRO B 24 4.95 12.35 28.46
N CYS B 25 6.07 13.00 28.21
CA CYS B 25 7.17 12.41 27.50
C CYS B 25 8.05 11.66 28.48
N LEU B 26 8.14 10.34 28.30
CA LEU B 26 8.98 9.52 29.16
C LEU B 26 10.43 9.57 28.73
N SER B 27 10.66 9.84 27.45
CA SER B 27 12.01 9.97 26.92
C SER B 27 11.95 10.88 25.72
N HIS B 28 13.10 11.22 25.18
N HIS B 28 13.13 11.22 25.22
CA HIS B 28 13.13 11.99 23.95
CA HIS B 28 13.30 11.97 23.97
C HIS B 28 13.11 11.07 22.73
C HIS B 28 13.03 11.06 22.78
N ARG B 29 13.29 9.76 22.97
CA ARG B 29 13.15 8.76 21.91
C ARG B 29 11.73 8.79 21.36
N GLU B 30 10.73 8.86 22.24
CA GLU B 30 9.34 9.04 21.82
C GLU B 30 9.06 10.42 21.23
N ARG B 31 9.53 11.47 21.91
CA ARG B 31 9.32 12.84 21.44
C ARG B 31 9.85 12.98 20.01
N ASP B 32 11.07 12.50 19.80
CA ASP B 32 11.75 12.67 18.53
C ASP B 32 11.02 11.99 17.38
N PHE B 33 10.41 10.82 17.64
CA PHE B 33 9.61 10.18 16.62
C PHE B 33 8.43 11.05 16.18
N TYR B 34 7.65 11.51 17.14
CA TYR B 34 6.48 12.33 16.79
C TYR B 34 6.84 13.62 16.07
N LEU B 35 7.95 14.24 16.45
CA LEU B 35 8.39 15.49 15.82
C LEU B 35 8.93 15.25 14.42
N HIS B 36 9.33 14.01 14.14
CA HIS B 36 9.90 13.68 12.86
C HIS B 36 8.84 13.31 11.83
N ILE B 37 7.79 12.61 12.24
CA ILE B 37 6.75 12.21 11.29
C ILE B 37 5.50 13.12 11.33
N LYS B 38 5.56 14.18 12.14
CA LYS B 38 4.52 15.21 12.13
C LYS B 38 4.19 15.72 10.74
N ASP B 39 5.25 16.10 10.05
CA ASP B 39 5.19 16.72 8.73
C ASP B 39 4.84 15.74 7.61
N ASP B 40 5.34 14.51 7.75
CA ASP B 40 5.35 13.53 6.66
C ASP B 40 3.96 13.14 6.18
N LYS B 41 3.74 13.29 4.87
CA LYS B 41 2.45 12.96 4.24
C LYS B 41 2.17 11.46 4.26
N GLU B 42 3.24 10.67 4.14
CA GLU B 42 3.13 9.21 4.15
C GLU B 42 2.66 8.65 5.50
N TRP B 43 2.90 9.40 6.57
CA TRP B 43 2.42 9.02 7.90
C TRP B 43 1.13 9.75 8.29
N THR B 44 1.10 11.08 8.12
CA THR B 44 -0.08 11.86 8.52
C THR B 44 -1.18 11.81 7.47
N GLY B 45 -0.83 12.13 6.22
CA GLY B 45 -1.78 12.08 5.10
C GLY B 45 -2.42 10.71 4.87
N THR B 46 -1.68 9.65 5.19
CA THR B 46 -2.23 8.28 5.08
C THR B 46 -3.10 7.89 6.27
N GLY B 47 -3.08 8.69 7.34
CA GLY B 47 -3.95 8.49 8.49
C GLY B 47 -3.71 7.23 9.31
N ILE B 48 -2.47 6.76 9.38
CA ILE B 48 -2.16 5.53 10.13
C ILE B 48 -1.67 5.81 11.55
N ILE B 49 -1.38 7.07 11.84
CA ILE B 49 -1.03 7.50 13.19
C ILE B 49 -1.98 8.60 13.64
N PRO B 50 -2.19 8.73 14.95
CA PRO B 50 -3.03 9.80 15.48
C PRO B 50 -2.41 11.14 15.14
N LYS B 51 -3.22 12.13 14.84
CA LYS B 51 -2.66 13.45 14.59
C LYS B 51 -1.99 13.99 15.85
N PHE B 52 -0.77 14.46 15.64
CA PHE B 52 0.06 14.98 16.71
C PHE B 52 0.12 16.49 16.55
N TYR B 53 -0.22 17.20 17.63
CA TYR B 53 -0.32 18.65 17.59
C TYR B 53 0.93 19.37 18.11
N GLY B 54 1.78 18.68 18.86
CA GLY B 54 2.98 19.33 19.39
C GLY B 54 3.41 18.85 20.75
N VAL B 55 4.61 19.28 21.12
CA VAL B 55 5.18 19.00 22.43
C VAL B 55 5.08 20.27 23.21
N GLU B 56 4.28 20.25 24.26
CA GLU B 56 4.12 21.42 25.08
C GLU B 56 4.69 21.20 26.48
N LEU B 57 4.96 22.31 27.12
CA LEU B 57 5.60 22.32 28.40
C LEU B 57 4.54 22.59 29.47
N HIS B 58 4.61 21.83 30.56
CA HIS B 58 3.73 22.08 31.71
C HIS B 58 4.52 21.96 33.00
N GLU B 59 4.13 22.79 33.97
CA GLU B 59 4.75 22.86 35.27
C GLU B 59 4.92 21.47 35.93
N PHE B 60 6.12 21.19 36.38
CA PHE B 60 6.38 20.04 37.24
C PHE B 60 7.49 20.38 38.21
N GLY B 61 7.15 20.47 39.49
CA GLY B 61 8.11 20.93 40.49
C GLY B 61 8.57 22.33 40.19
N PHE B 62 9.87 22.58 40.32
CA PHE B 62 10.43 23.93 40.12
C PHE B 62 10.78 24.23 38.66
N GLY B 63 10.40 23.34 37.76
CA GLY B 63 10.61 23.58 36.32
C GLY B 63 9.41 23.09 35.52
N GLU B 64 9.70 22.52 34.35
CA GLU B 64 8.67 22.14 33.41
C GLU B 64 8.91 20.75 32.85
N LEU B 65 7.83 20.15 32.36
CA LEU B 65 7.86 18.83 31.73
C LEU B 65 7.15 18.84 30.38
N GLU B 66 7.65 18.01 29.48
CA GLU B 66 7.17 17.94 28.11
C GLU B 66 6.02 16.97 28.01
N PHE B 67 4.91 17.44 27.43
CA PHE B 67 3.74 16.60 27.17
C PHE B 67 3.47 16.55 25.66
N ILE B 68 3.12 15.36 25.17
CA ILE B 68 2.65 15.20 23.80
C ILE B 68 1.16 15.53 23.74
N ARG B 69 0.79 16.41 22.81
CA ARG B 69 -0.62 16.70 22.55
C ARG B 69 -1.05 15.93 21.30
N MET B 70 -2.07 15.11 21.45
CA MET B 70 -2.58 14.29 20.35
C MET B 70 -4.11 14.36 20.34
N GLU B 71 -4.69 14.10 19.18
CA GLU B 71 -6.15 14.01 19.06
C GLU B 71 -6.73 12.92 19.99
N ASN B 72 -7.90 13.19 20.53
CA ASN B 72 -8.68 12.17 21.21
C ASN B 72 -9.45 11.41 20.13
N LEU B 73 -8.95 10.23 19.77
CA LEU B 73 -9.60 9.38 18.78
C LEU B 73 -11.05 9.04 19.11
N MET B 74 -11.40 9.06 20.40
CA MET B 74 -12.76 8.76 20.83
C MET B 74 -13.57 10.00 21.24
N TYR B 75 -13.19 11.15 20.69
CA TYR B 75 -13.92 12.37 20.93
C TYR B 75 -15.37 12.20 20.47
N LYS B 76 -16.31 12.44 21.38
CA LYS B 76 -17.75 12.31 21.15
C LYS B 76 -18.21 10.88 20.84
N TYR B 77 -17.44 9.87 21.23
CA TYR B 77 -17.90 8.48 21.11
C TYR B 77 -18.91 8.20 22.21
N LYS B 78 -20.13 7.86 21.82
CA LYS B 78 -21.22 7.58 22.74
C LYS B 78 -21.06 6.22 23.43
N ARG B 79 -20.78 5.18 22.64
CA ARG B 79 -20.53 3.83 23.17
C ARG B 79 -19.20 3.29 22.64
N PRO B 80 -18.11 3.52 23.38
CA PRO B 80 -16.79 3.15 22.85
C PRO B 80 -16.54 1.65 22.86
N PHE B 81 -15.90 1.19 21.78
CA PHE B 81 -15.34 -0.14 21.72
C PHE B 81 -13.86 0.07 21.45
N VAL B 82 -13.02 -0.67 22.17
CA VAL B 82 -11.58 -0.46 22.07
C VAL B 82 -10.87 -1.80 22.10
N LEU B 83 -9.91 -1.98 21.19
CA LEU B 83 -9.06 -3.16 21.19
C LEU B 83 -7.63 -2.72 20.94
N ASP B 84 -6.73 -3.20 21.80
CA ASP B 84 -5.34 -2.84 21.79
C ASP B 84 -4.55 -4.13 21.56
N LEU B 85 -3.83 -4.19 20.45
CA LEU B 85 -2.99 -5.32 20.11
C LEU B 85 -1.55 -4.87 20.03
N LYS B 86 -0.66 -5.56 20.74
CA LYS B 86 0.79 -5.33 20.63
C LYS B 86 1.32 -6.01 19.39
N ILE B 87 2.15 -5.28 18.64
CA ILE B 87 2.71 -5.77 17.38
C ILE B 87 4.20 -5.98 17.49
N GLY B 88 4.66 -7.11 16.95
CA GLY B 88 6.06 -7.47 16.99
C GLY B 88 6.30 -8.86 17.54
N THR B 89 7.44 -9.45 17.19
CA THR B 89 7.82 -10.78 17.70
C THR B 89 8.56 -10.70 19.04
N GLN B 90 8.88 -9.49 19.47
CA GLN B 90 9.38 -9.26 20.83
C GLN B 90 8.98 -7.86 21.25
N THR B 91 8.81 -7.65 22.55
CA THR B 91 8.43 -6.34 23.10
C THR B 91 9.54 -5.68 23.92
N TRP B 92 10.71 -6.31 23.97
CA TRP B 92 11.89 -5.73 24.58
C TRP B 92 12.77 -5.22 23.45
N ASP B 93 13.76 -4.39 23.78
CA ASP B 93 14.72 -3.92 22.78
C ASP B 93 16.11 -3.74 23.43
N PRO B 94 17.07 -3.04 22.78
CA PRO B 94 18.39 -2.92 23.43
C PRO B 94 18.46 -2.05 24.68
N GLU B 95 17.48 -1.19 24.92
CA GLU B 95 17.48 -0.33 26.12
C GLU B 95 16.72 -0.96 27.29
N THR B 96 16.04 -2.10 27.08
CA THR B 96 15.29 -2.76 28.16
C THR B 96 16.22 -3.15 29.32
N ALA B 97 15.89 -2.69 30.53
CA ALA B 97 16.70 -3.02 31.72
C ALA B 97 16.71 -4.54 31.93
N SER B 98 17.88 -5.09 32.27
CA SER B 98 18.03 -6.54 32.43
C SER B 98 17.06 -7.10 33.47
N SER B 99 16.80 -6.34 34.53
CA SER B 99 15.85 -6.74 35.59
C SER B 99 14.41 -6.89 35.09
N LYS B 100 14.12 -6.25 33.97
CA LYS B 100 12.82 -6.33 33.34
C LYS B 100 12.67 -7.49 32.35
N MET B 101 13.80 -8.12 31.99
CA MET B 101 13.84 -9.00 30.82
C MET B 101 13.11 -10.33 30.99
N LYS B 102 13.12 -10.88 32.21
CA LYS B 102 12.43 -12.15 32.44
C LYS B 102 10.95 -12.02 32.13
N LYS B 103 10.31 -10.96 32.65
CA LYS B 103 8.87 -10.75 32.40
C LYS B 103 8.56 -10.54 30.90
N ARG B 104 9.43 -9.82 30.19
CA ARG B 104 9.21 -9.57 28.77
C ARG B 104 9.31 -10.87 27.98
N LEU B 105 10.35 -11.65 28.27
CA LEU B 105 10.55 -12.95 27.63
C LEU B 105 9.38 -13.90 27.91
N VAL B 106 8.92 -13.94 29.16
CA VAL B 106 7.81 -14.80 29.54
C VAL B 106 6.55 -14.37 28.81
N VAL B 107 6.15 -13.10 28.94
CA VAL B 107 4.88 -12.68 28.30
C VAL B 107 4.95 -12.88 26.78
N ASP B 108 6.11 -12.56 26.19
CA ASP B 108 6.29 -12.68 24.74
C ASP B 108 6.09 -14.13 24.26
N SER B 109 6.65 -15.08 25.00
CA SER B 109 6.62 -16.48 24.57
C SER B 109 5.33 -17.24 24.95
N THR B 110 4.70 -16.87 26.06
CA THR B 110 3.47 -17.55 26.48
C THR B 110 2.21 -16.92 25.85
N SER B 111 2.36 -15.74 25.27
CA SER B 111 1.30 -15.14 24.49
C SER B 111 1.56 -15.57 23.06
N THR B 112 0.87 -14.94 22.11
CA THR B 112 1.08 -15.21 20.70
C THR B 112 2.14 -14.29 20.05
N THR B 113 2.88 -13.54 20.85
CA THR B 113 3.80 -12.52 20.32
C THR B 113 4.88 -13.19 19.47
N THR B 114 5.58 -14.19 20.03
CA THR B 114 6.69 -14.83 19.32
C THR B 114 6.20 -15.65 18.11
N SER B 115 5.03 -16.29 18.20
CA SER B 115 4.53 -17.10 17.08
C SER B 115 3.80 -16.32 15.98
N LEU B 116 3.14 -15.21 16.33
CA LEU B 116 2.36 -14.45 15.33
C LEU B 116 2.82 -13.01 15.12
N GLY B 117 3.58 -12.47 16.07
CA GLY B 117 3.99 -11.08 15.97
C GLY B 117 2.83 -10.16 16.32
N VAL B 118 1.84 -10.69 17.03
CA VAL B 118 0.70 -9.90 17.45
C VAL B 118 0.02 -10.57 18.64
N ARG B 119 -0.25 -9.80 19.69
CA ARG B 119 -0.91 -10.37 20.85
C ARG B 119 -1.98 -9.44 21.40
N PHE B 120 -2.91 -10.04 22.13
CA PHE B 120 -4.00 -9.35 22.79
C PHE B 120 -3.42 -8.43 23.86
N SER B 121 -3.93 -7.20 23.95
CA SER B 121 -3.42 -6.20 24.90
C SER B 121 -4.44 -5.46 25.79
N GLY B 122 -5.69 -5.95 25.83
CA GLY B 122 -6.80 -5.21 26.43
C GLY B 122 -7.93 -4.95 25.46
N MET B 123 -9.16 -5.00 25.97
CA MET B 123 -10.31 -4.63 25.16
C MET B 123 -11.40 -4.04 26.07
N GLU B 124 -12.24 -3.20 25.48
CA GLU B 124 -13.38 -2.61 26.17
C GLU B 124 -14.60 -2.62 25.27
N ARG B 125 -15.71 -3.08 25.81
CA ARG B 125 -16.97 -3.11 25.07
C ARG B 125 -18.07 -2.46 25.89
N ASN B 126 -18.87 -1.63 25.23
CA ASN B 126 -19.99 -0.94 25.87
C ASN B 126 -21.30 -1.31 25.19
N ILE B 127 -22.03 -2.23 25.80
CA ILE B 127 -23.19 -2.87 25.15
C ILE B 127 -24.55 -2.39 25.72
N GLY B 128 -24.55 -1.22 26.34
CA GLY B 128 -25.78 -0.61 26.85
C GLY B 128 -26.04 -0.92 28.31
N GLU B 129 -25.15 -1.68 28.92
CA GLU B 129 -25.34 -2.04 30.31
C GLU B 129 -24.07 -1.61 31.03
N GLU B 130 -23.95 -0.30 31.15
CA GLU B 130 -22.83 0.32 31.85
C GLU B 130 -22.74 -0.34 33.23
N LYS B 131 -21.54 -0.55 33.77
CA LYS B 131 -20.28 -0.08 33.22
C LYS B 131 -19.82 -0.86 31.98
N PRO B 132 -18.75 -0.41 31.34
CA PRO B 132 -18.17 -1.12 30.20
C PRO B 132 -17.51 -2.43 30.64
N ILE B 133 -17.60 -3.47 29.81
CA ILE B 133 -16.95 -4.73 30.08
C ILE B 133 -15.47 -4.59 29.71
N LEU B 134 -14.59 -4.85 30.66
CA LEU B 134 -13.15 -4.72 30.46
C LEU B 134 -12.55 -6.11 30.35
N TYR B 135 -11.74 -6.30 29.33
CA TYR B 135 -11.04 -7.58 29.14
C TYR B 135 -9.57 -7.30 29.37
N SER B 136 -9.07 -7.81 30.51
CA SER B 136 -7.71 -7.56 30.95
C SER B 136 -6.67 -7.91 29.88
N ARG B 137 -5.70 -7.03 29.70
CA ARG B 137 -4.54 -7.32 28.85
C ARG B 137 -3.90 -8.64 29.25
N TYR B 138 -3.92 -8.96 30.55
CA TYR B 138 -3.26 -10.15 31.06
C TYR B 138 -3.92 -11.48 30.68
N LEU B 139 -5.05 -11.44 29.98
CA LEU B 139 -5.67 -12.64 29.44
C LEU B 139 -4.80 -13.26 28.32
N CYS B 140 -3.87 -12.49 27.78
CA CYS B 140 -3.08 -12.90 26.62
C CYS B 140 -2.19 -14.13 26.83
N THR B 141 -1.84 -14.45 28.07
CA THR B 141 -0.98 -15.60 28.32
C THR B 141 -1.72 -16.90 28.63
N HIS B 142 -3.04 -16.91 28.51
CA HIS B 142 -3.79 -18.12 28.83
C HIS B 142 -5.09 -18.17 28.05
N GLU B 143 -5.94 -17.19 28.25
CA GLU B 143 -7.27 -17.23 27.65
C GLU B 143 -7.28 -16.76 26.18
N VAL B 144 -6.29 -15.96 25.79
CA VAL B 144 -6.17 -15.45 24.43
C VAL B 144 -4.75 -15.72 23.92
N ASN B 145 -4.32 -16.97 24.05
CA ASN B 145 -2.92 -17.34 23.80
C ASN B 145 -2.74 -18.16 22.52
N THR B 146 -3.71 -18.14 21.60
CA THR B 146 -3.58 -18.84 20.32
C THR B 146 -4.17 -17.98 19.22
N ARG B 147 -3.85 -18.29 17.96
CA ARG B 147 -4.43 -17.58 16.83
C ARG B 147 -5.95 -17.62 16.89
N ASP B 148 -6.49 -18.81 17.06
CA ASP B 148 -7.93 -18.98 17.08
C ASP B 148 -8.59 -18.17 18.19
N SER B 149 -8.02 -18.16 19.40
CA SER B 149 -8.65 -17.41 20.47
C SER B 149 -8.45 -15.93 20.25
N LEU B 150 -7.33 -15.55 19.65
CA LEU B 150 -7.08 -14.15 19.29
C LEU B 150 -8.14 -13.70 18.29
N LYS B 151 -8.36 -14.50 17.25
CA LYS B 151 -9.35 -14.23 16.21
C LYS B 151 -10.74 -14.05 16.79
N GLU B 152 -11.11 -14.94 17.71
CA GLU B 152 -12.40 -14.88 18.38
C GLU B 152 -12.56 -13.67 19.24
N TYR B 153 -11.49 -13.25 19.94
CA TYR B 153 -11.55 -12.01 20.73
C TYR B 153 -11.67 -10.77 19.84
N ILE B 154 -11.18 -10.85 18.61
CA ILE B 154 -11.33 -9.75 17.65
C ILE B 154 -12.75 -9.73 17.10
N LYS B 155 -13.29 -10.90 16.80
CA LYS B 155 -14.69 -10.99 16.47
C LYS B 155 -15.57 -10.41 17.58
N LEU B 156 -15.24 -10.70 18.83
CA LEU B 156 -15.98 -10.14 19.97
C LEU B 156 -15.90 -8.61 19.98
N PHE B 157 -14.73 -8.07 19.65
CA PHE B 157 -14.61 -6.62 19.47
C PHE B 157 -15.67 -6.11 18.49
N PHE B 158 -15.93 -6.85 17.42
CA PHE B 158 -16.89 -6.45 16.39
C PHE B 158 -18.34 -6.79 16.74
N ASN B 159 -18.54 -7.45 17.88
CA ASN B 159 -19.88 -7.71 18.40
C ASN B 159 -20.27 -6.53 19.27
N ASP B 160 -21.27 -5.75 18.83
CA ASP B 160 -21.76 -4.62 19.62
C ASP B 160 -22.78 -4.99 20.72
N GLY B 161 -23.10 -6.28 20.87
CA GLY B 161 -24.07 -6.72 21.87
C GLY B 161 -25.41 -7.03 21.21
N LYS B 162 -25.61 -6.49 20.01
CA LYS B 162 -26.80 -6.74 19.20
C LYS B 162 -26.40 -7.57 17.96
N LYS B 163 -25.42 -7.10 17.21
CA LYS B 163 -24.96 -7.75 15.98
C LYS B 163 -23.46 -7.59 15.74
N TYR B 164 -22.92 -8.41 14.84
CA TYR B 164 -21.53 -8.26 14.40
C TYR B 164 -21.42 -7.19 13.33
N ARG B 165 -20.51 -6.24 13.54
CA ARG B 165 -20.39 -5.07 12.66
C ARG B 165 -19.48 -5.34 11.48
N LYS B 166 -19.95 -6.24 10.62
CA LYS B 166 -19.15 -6.74 9.50
C LYS B 166 -18.83 -5.68 8.46
N GLU B 167 -19.59 -4.60 8.44
CA GLU B 167 -19.38 -3.49 7.51
C GLU B 167 -18.17 -2.61 7.87
N LEU B 168 -17.62 -2.80 9.07
CA LEU B 168 -16.45 -2.05 9.52
C LEU B 168 -15.14 -2.74 9.17
N VAL B 169 -15.19 -4.06 8.97
CA VAL B 169 -13.96 -4.85 8.84
C VAL B 169 -13.10 -4.43 7.63
N PRO B 170 -13.72 -4.18 6.46
CA PRO B 170 -12.88 -3.73 5.36
C PRO B 170 -12.10 -2.44 5.66
N TYR B 171 -12.70 -1.49 6.39
CA TYR B 171 -11.93 -0.32 6.83
C TYR B 171 -10.65 -0.74 7.59
N PHE B 172 -10.79 -1.67 8.52
CA PHE B 172 -9.66 -2.07 9.37
C PHE B 172 -8.56 -2.76 8.57
N ILE B 173 -8.95 -3.59 7.62
CA ILE B 173 -8.01 -4.24 6.71
C ILE B 173 -7.32 -3.19 5.84
N SER B 174 -8.09 -2.22 5.36
CA SER B 174 -7.51 -1.14 4.57
C SER B 174 -6.46 -0.39 5.40
N GLN B 175 -6.73 -0.15 6.67
CA GLN B 175 -5.76 0.50 7.54
C GLN B 175 -4.49 -0.34 7.69
N LEU B 176 -4.67 -1.64 7.91
CA LEU B 176 -3.52 -2.54 8.00
C LEU B 176 -2.69 -2.49 6.74
N ASP B 177 -3.34 -2.49 5.58
CA ASP B 177 -2.62 -2.40 4.30
C ASP B 177 -1.76 -1.15 4.23
N LYS B 178 -2.27 -0.04 4.73
CA LYS B 178 -1.52 1.20 4.77
C LYS B 178 -0.34 1.12 5.74
N MET B 179 -0.51 0.45 6.86
CA MET B 179 0.60 0.26 7.81
C MET B 179 1.70 -0.62 7.20
N ILE B 180 1.29 -1.65 6.48
CA ILE B 180 2.21 -2.60 5.90
C ILE B 180 3.09 -1.96 4.85
N GLU B 181 2.48 -1.15 3.99
CA GLU B 181 3.23 -0.49 2.93
C GLU B 181 4.22 0.55 3.49
N VAL B 182 3.86 1.23 4.58
CA VAL B 182 4.79 2.19 5.18
C VAL B 182 5.96 1.44 5.83
N MET B 183 5.65 0.46 6.67
CA MET B 183 6.69 -0.25 7.42
C MET B 183 7.56 -1.16 6.56
N LYS B 184 7.04 -1.59 5.40
CA LYS B 184 7.87 -2.34 4.44
C LYS B 184 9.13 -1.57 4.07
N LYS B 185 9.05 -0.25 4.13
CA LYS B 185 10.20 0.59 3.85
C LYS B 185 11.32 0.42 4.85
N ARG B 186 11.01 -0.10 6.03
CA ARG B 186 12.00 -0.39 7.05
C ARG B 186 12.82 0.85 7.43
N GLU B 187 12.13 1.98 7.55
CA GLU B 187 12.74 3.19 8.04
C GLU B 187 13.00 3.07 9.55
N TYR B 188 12.12 2.40 10.26
CA TYR B 188 12.21 2.31 11.72
C TYR B 188 12.11 0.89 12.19
N LYS B 189 12.61 0.65 13.40
CA LYS B 189 12.23 -0.53 14.15
C LYS B 189 11.36 -0.03 15.28
N MET B 190 10.32 -0.80 15.59
CA MET B 190 9.35 -0.42 16.60
C MET B 190 9.07 -1.57 17.56
N PHE B 191 9.29 -1.32 18.85
CA PHE B 191 9.17 -2.34 19.88
C PHE B 191 8.10 -1.90 20.86
N SER B 192 7.17 -2.79 21.16
CA SER B 192 6.09 -2.48 22.10
C SER B 192 5.10 -1.40 21.63
N SER B 193 4.95 -1.29 20.32
CA SER B 193 3.90 -0.45 19.73
C SER B 193 2.64 -1.29 19.57
N SER B 194 1.53 -0.59 19.46
CA SER B 194 0.22 -1.21 19.31
C SER B 194 -0.43 -0.75 18.03
N VAL B 195 -1.28 -1.61 17.50
CA VAL B 195 -2.35 -1.19 16.61
C VAL B 195 -3.63 -1.08 17.43
N LEU B 196 -4.24 0.10 17.39
CA LEU B 196 -5.40 0.41 18.18
C LEU B 196 -6.65 0.40 17.32
N PHE B 197 -7.63 -0.42 17.72
CA PHE B 197 -8.92 -0.49 17.04
C PHE B 197 -9.94 0.22 17.91
N VAL B 198 -10.64 1.20 17.36
CA VAL B 198 -11.80 1.76 18.06
C VAL B 198 -13.00 1.95 17.15
N TYR B 199 -14.18 1.90 17.75
CA TYR B 199 -15.37 2.43 17.13
C TYR B 199 -16.42 2.82 18.15
N ASP B 200 -17.32 3.70 17.73
CA ASP B 200 -18.52 4.06 18.49
C ASP B 200 -19.62 3.23 17.91
N SER B 201 -20.26 2.40 18.73
CA SER B 201 -21.25 1.44 18.23
C SER B 201 -22.54 2.13 17.74
N THR B 202 -22.74 3.40 18.11
CA THR B 202 -23.83 4.20 17.56
C THR B 202 -23.51 4.78 16.19
N THR B 203 -22.30 4.53 15.68
CA THR B 203 -21.93 5.00 14.33
C THR B 203 -22.74 4.35 13.22
N THR B 204 -22.86 5.06 12.11
CA THR B 204 -23.11 4.43 10.82
C THR B 204 -21.77 4.47 10.09
N LEU B 205 -21.75 3.95 8.86
CA LEU B 205 -20.58 4.06 8.00
C LEU B 205 -20.29 5.52 7.72
N GLU B 206 -21.36 6.28 7.51
CA GLU B 206 -21.29 7.69 7.10
C GLU B 206 -20.73 8.57 8.21
N ASP B 207 -21.12 8.27 9.46
CA ASP B 207 -20.60 9.01 10.62
C ASP B 207 -19.09 8.92 10.76
N LYS B 208 -18.53 7.80 10.32
CA LYS B 208 -17.08 7.54 10.39
C LYS B 208 -16.53 7.64 11.82
N LYS B 209 -17.31 7.18 12.79
CA LYS B 209 -16.86 7.13 14.16
C LYS B 209 -16.20 5.76 14.41
N TYR B 210 -15.13 5.51 13.66
CA TYR B 210 -14.33 4.32 13.83
C TYR B 210 -12.92 4.63 13.36
N ASN B 211 -11.95 3.95 13.94
CA ASN B 211 -10.56 4.26 13.70
C ASN B 211 -9.64 3.09 13.97
N CYS B 212 -8.52 3.08 13.27
CA CYS B 212 -7.44 2.13 13.46
C CYS B 212 -6.15 2.90 13.26
N LYS B 213 -5.34 2.95 14.31
CA LYS B 213 -4.11 3.74 14.30
C LYS B 213 -3.00 3.00 15.05
N MET B 214 -1.77 3.19 14.58
CA MET B 214 -0.60 2.74 15.30
C MET B 214 -0.30 3.71 16.41
N ILE B 215 0.01 3.20 17.59
CA ILE B 215 0.35 4.02 18.75
C ILE B 215 1.52 3.42 19.55
N ASP B 216 1.99 4.17 20.54
CA ASP B 216 3.03 3.76 21.48
C ASP B 216 4.39 3.69 20.81
N PHE B 217 5.03 4.85 20.72
CA PHE B 217 6.28 4.97 20.02
C PHE B 217 7.46 5.29 20.90
N ALA B 218 7.38 4.93 22.18
CA ALA B 218 8.49 5.19 23.12
C ALA B 218 9.76 4.43 22.78
N HIS B 219 9.62 3.34 22.04
CA HIS B 219 10.73 2.45 21.77
C HIS B 219 10.86 2.23 20.28
N ASN B 220 10.91 3.35 19.56
CA ASN B 220 11.07 3.34 18.13
C ASN B 220 12.50 3.75 17.80
N TRP B 221 13.04 3.18 16.74
CA TRP B 221 14.45 3.38 16.38
C TRP B 221 14.55 3.80 14.92
N ILE B 222 15.25 4.91 14.65
CA ILE B 222 15.33 5.49 13.32
C ILE B 222 16.61 4.98 12.69
N LEU B 223 16.47 3.99 11.80
CA LEU B 223 17.63 3.20 11.37
C LEU B 223 18.73 4.00 10.64
N SER B 224 18.34 5.07 9.95
CA SER B 224 19.29 5.92 9.24
C SER B 224 20.06 6.84 10.18
N GLU B 225 19.63 6.94 11.44
CA GLU B 225 20.17 7.90 12.41
C GLU B 225 20.84 7.22 13.62
N GLU B 226 20.54 5.95 13.83
CA GLU B 226 21.10 5.16 14.92
C GLU B 226 20.97 3.71 14.53
N GLU B 227 21.65 2.81 15.23
CA GLU B 227 21.58 1.41 14.89
C GLU B 227 20.83 0.57 15.92
N CYS B 228 20.13 -0.44 15.43
CA CYS B 228 19.39 -1.38 16.26
C CYS B 228 19.50 -2.74 15.60
N THR B 229 20.25 -3.64 16.22
CA THR B 229 20.53 -4.95 15.62
C THR B 229 19.36 -5.92 15.74
N VAL B 230 18.72 -6.00 16.91
CA VAL B 230 17.57 -6.91 17.09
C VAL B 230 16.42 -6.58 16.15
N GLU B 231 15.64 -7.59 15.81
CA GLU B 231 14.57 -7.44 14.85
C GLU B 231 13.25 -7.30 15.60
N ASP B 232 12.35 -6.50 15.04
CA ASP B 232 11.07 -6.24 15.71
C ASP B 232 9.98 -7.24 15.32
N GLY B 233 10.12 -7.86 14.16
CA GLY B 233 9.09 -8.73 13.62
C GLY B 233 7.79 -8.01 13.40
N PHE B 234 7.87 -6.71 13.12
CA PHE B 234 6.70 -5.83 13.03
C PHE B 234 5.86 -6.18 11.82
N LEU B 235 6.51 -6.23 10.66
CA LEU B 235 5.84 -6.55 9.41
C LEU B 235 5.22 -7.95 9.44
N PHE B 236 5.96 -8.90 10.00
CA PHE B 236 5.44 -10.24 10.18
C PHE B 236 4.14 -10.21 10.98
N GLY B 237 4.14 -9.39 12.04
CA GLY B 237 2.98 -9.22 12.89
C GLY B 237 1.81 -8.60 12.18
N LEU B 238 2.07 -7.56 11.40
CA LEU B 238 1.00 -6.90 10.63
C LEU B 238 0.29 -7.86 9.65
N ASN B 239 1.06 -8.66 8.93
CA ASN B 239 0.50 -9.59 7.96
C ASN B 239 -0.40 -10.63 8.62
N ASN B 240 0.05 -11.16 9.75
CA ASN B 240 -0.73 -12.09 10.53
C ASN B 240 -1.97 -11.42 11.11
N LEU B 241 -1.84 -10.18 11.55
CA LEU B 241 -3.04 -9.44 11.93
C LEU B 241 -3.95 -9.30 10.72
N LYS B 242 -3.39 -8.88 9.59
CA LYS B 242 -4.17 -8.75 8.39
C LYS B 242 -4.90 -10.05 8.06
N SER B 243 -4.18 -11.17 8.13
CA SER B 243 -4.72 -12.46 7.75
C SER B 243 -5.84 -12.90 8.68
N ILE B 244 -5.73 -12.57 9.96
CA ILE B 244 -6.81 -12.84 10.90
C ILE B 244 -8.08 -12.08 10.49
N LEU B 245 -7.93 -10.79 10.19
CA LEU B 245 -9.08 -9.95 9.81
C LEU B 245 -9.76 -10.43 8.53
N GLU B 246 -8.98 -10.96 7.60
CA GLU B 246 -9.57 -11.53 6.37
C GLU B 246 -10.36 -12.79 6.67
N ASP B 247 -9.83 -13.66 7.53
CA ASP B 247 -10.56 -14.86 7.97
C ASP B 247 -11.85 -14.45 8.62
N ILE B 248 -11.81 -13.40 9.44
CA ILE B 248 -13.01 -12.89 10.08
C ILE B 248 -14.01 -12.38 9.04
N GLU B 249 -13.49 -11.68 8.04
CA GLU B 249 -14.31 -11.15 6.96
C GLU B 249 -15.02 -12.30 6.25
N ASN B 250 -14.27 -13.35 5.91
CA ASN B 250 -14.88 -14.50 5.25
C ASN B 250 -15.93 -15.19 6.13
N GLU B 251 -15.61 -15.37 7.41
CA GLU B 251 -16.50 -16.09 8.32
C GLU B 251 -17.76 -15.28 8.63
N PHE B 252 -17.66 -13.95 8.51
CA PHE B 252 -18.81 -13.07 8.68
C PHE B 252 -19.75 -13.06 7.48
N LYS B 253 -19.28 -13.49 6.31
CA LYS B 253 -20.11 -13.52 5.10
C LYS B 253 -21.38 -14.34 5.29
N SER B 254 -21.25 -15.51 5.90
CA SER B 254 -22.41 -16.35 6.21
C SER B 254 -22.96 -15.95 7.56
N LEU B 255 -23.64 -14.80 7.60
CA LEU B 255 -24.12 -14.21 8.84
C LEU B 255 -25.27 -13.24 8.58
#